data_9NWZ
#
_entry.id   9NWZ
#
_entity_poly.entity_id   1
_entity_poly.type   'polypeptide(L)'
_entity_poly.pdbx_seq_one_letter_code
;GGKGHVPEYFVRGDLQSFYG
;
_entity_poly.pdbx_strand_id   A
#
# COMPACT_ATOMS: atom_id res chain seq x y z
N GLY A 1 -0.25 3.71 3.58
CA GLY A 1 -0.54 4.60 4.70
C GLY A 1 -2.04 4.93 4.89
N GLY A 2 -2.98 4.14 4.26
CA GLY A 2 -4.34 4.70 4.20
C GLY A 2 -5.37 3.79 3.51
N LYS A 3 -5.75 4.17 2.23
CA LYS A 3 -6.54 3.32 1.33
C LYS A 3 -6.13 3.70 -0.13
N GLY A 4 -6.68 2.97 -1.15
CA GLY A 4 -6.33 3.20 -2.56
C GLY A 4 -6.16 1.86 -3.31
N HIS A 5 -5.11 1.79 -4.22
CA HIS A 5 -4.84 0.52 -4.92
C HIS A 5 -3.38 0.20 -5.33
N VAL A 6 -2.48 1.23 -5.47
CA VAL A 6 -1.04 0.99 -5.76
C VAL A 6 -0.28 1.05 -4.39
N PRO A 7 0.50 -0.01 -3.98
CA PRO A 7 0.96 -0.12 -2.57
C PRO A 7 1.93 0.91 -1.95
N GLU A 8 1.92 0.92 -0.56
CA GLU A 8 2.89 1.70 0.22
C GLU A 8 4.27 0.98 0.15
N TYR A 9 4.98 1.29 -0.99
CA TYR A 9 6.28 0.70 -1.33
C TYR A 9 6.12 -0.76 -1.83
N PHE A 10 7.29 -1.36 -2.28
CA PHE A 10 7.29 -2.74 -2.81
C PHE A 10 7.62 -3.74 -1.68
N VAL A 11 6.72 -3.70 -0.63
CA VAL A 11 6.70 -4.69 0.45
C VAL A 11 5.22 -5.15 0.56
N ARG A 12 5.02 -6.37 1.15
CA ARG A 12 3.69 -6.87 1.46
C ARG A 12 3.77 -7.87 2.62
N GLY A 13 2.62 -7.99 3.36
CA GLY A 13 2.51 -8.95 4.46
C GLY A 13 1.46 -8.49 5.47
N ASP A 14 1.43 -7.15 5.69
CA ASP A 14 0.51 -6.45 6.58
C ASP A 14 0.27 -5.04 6.09
N LEU A 15 0.52 -4.89 4.72
CA LEU A 15 0.20 -3.64 4.06
C LEU A 15 -1.12 -3.88 3.32
N GLN A 16 -2.03 -2.87 3.48
CA GLN A 16 -3.34 -2.85 2.86
C GLN A 16 -3.64 -1.41 2.41
N SER A 17 -2.54 -0.74 1.89
CA SER A 17 -2.72 0.57 1.29
C SER A 17 -1.65 0.93 0.23
N PHE A 18 -1.87 2.16 -0.38
CA PHE A 18 -1.57 2.45 -1.78
C PHE A 18 -1.29 3.99 -2.01
N TYR A 19 -0.76 4.36 -3.24
CA TYR A 19 -0.36 5.77 -3.58
C TYR A 19 -0.06 6.05 -5.13
N GLY A 20 0.32 7.35 -5.43
CA GLY A 20 0.83 7.79 -6.72
C GLY A 20 1.47 9.17 -6.64
N GLY A 1 -0.41 4.13 1.67
CA GLY A 1 -0.68 4.91 2.84
C GLY A 1 -1.97 5.69 2.62
N GLY A 2 -2.82 5.75 3.70
CA GLY A 2 -3.96 6.64 3.66
C GLY A 2 -5.03 6.19 2.63
N LYS A 3 -4.92 4.89 2.14
CA LYS A 3 -5.62 4.40 0.92
C LYS A 3 -4.93 4.85 -0.41
N GLY A 4 -5.46 4.34 -1.59
CA GLY A 4 -5.03 4.78 -2.91
C GLY A 4 -5.27 3.74 -4.02
N HIS A 5 -4.28 3.58 -4.98
CA HIS A 5 -4.43 2.59 -6.06
C HIS A 5 -3.17 1.78 -6.51
N VAL A 6 -1.95 2.41 -6.50
CA VAL A 6 -0.71 1.63 -6.56
C VAL A 6 -0.51 1.13 -5.12
N PRO A 7 -0.07 -0.15 -4.92
CA PRO A 7 0.31 -0.60 -3.59
C PRO A 7 1.43 0.31 -3.06
N GLU A 8 1.48 0.44 -1.69
CA GLU A 8 2.55 1.24 -1.13
C GLU A 8 3.85 0.38 -1.20
N TYR A 9 5.04 1.04 -1.18
CA TYR A 9 6.27 0.28 -1.45
C TYR A 9 6.60 -0.72 -0.30
N PHE A 10 7.31 -1.82 -0.73
CA PHE A 10 7.72 -2.96 0.12
C PHE A 10 6.63 -4.05 0.06
N VAL A 11 6.88 -5.04 -0.88
CA VAL A 11 5.92 -6.12 -1.05
C VAL A 11 6.18 -7.23 0.00
N ARG A 12 5.02 -7.78 0.54
CA ARG A 12 4.99 -8.69 1.68
C ARG A 12 5.36 -7.98 3.00
N GLY A 13 4.29 -7.54 3.75
CA GLY A 13 4.55 -6.82 4.98
C GLY A 13 3.33 -6.78 5.89
N ASP A 14 2.81 -5.52 6.05
CA ASP A 14 1.58 -5.31 6.78
C ASP A 14 0.37 -5.59 5.90
N LEU A 15 -0.86 -5.21 6.43
CA LEU A 15 -2.11 -5.41 5.71
C LEU A 15 -2.12 -4.74 4.30
N GLN A 16 -3.17 -5.11 3.48
CA GLN A 16 -3.24 -4.59 2.13
C GLN A 16 -3.51 -3.07 2.20
N SER A 17 -2.59 -2.32 1.49
CA SER A 17 -2.56 -0.86 1.55
C SER A 17 -2.10 -0.34 0.17
N PHE A 18 -2.61 0.91 -0.12
CA PHE A 18 -2.42 1.59 -1.41
C PHE A 18 -2.07 3.06 -1.09
N TYR A 19 -1.49 3.79 -2.11
CA TYR A 19 -1.30 5.24 -2.06
C TYR A 19 -1.62 5.88 -3.42
N GLY A 20 -1.52 7.27 -3.39
CA GLY A 20 -1.60 8.06 -4.60
C GLY A 20 -2.11 9.45 -4.34
N GLY A 1 0.54 2.27 2.56
CA GLY A 1 0.09 2.29 3.95
C GLY A 1 -1.24 3.04 4.09
N GLY A 2 -1.88 3.28 2.88
CA GLY A 2 -3.11 4.03 2.78
C GLY A 2 -4.20 3.24 2.04
N LYS A 3 -5.16 4.05 1.46
CA LYS A 3 -6.00 3.56 0.38
C LYS A 3 -5.54 4.37 -0.85
N GLY A 4 -5.93 3.89 -2.07
CA GLY A 4 -5.39 4.50 -3.28
C GLY A 4 -5.65 3.61 -4.49
N HIS A 5 -4.92 3.95 -5.61
CA HIS A 5 -4.90 3.07 -6.79
C HIS A 5 -3.47 2.85 -7.32
N VAL A 6 -2.45 3.17 -6.46
CA VAL A 6 -1.06 2.76 -6.69
C VAL A 6 -0.71 1.93 -5.43
N PRO A 7 0.07 0.81 -5.56
CA PRO A 7 0.51 0.07 -4.39
C PRO A 7 1.59 0.81 -3.57
N GLU A 8 1.68 0.40 -2.25
CA GLU A 8 2.89 0.73 -1.49
C GLU A 8 4.00 -0.15 -2.13
N TYR A 9 4.93 0.59 -2.85
CA TYR A 9 5.94 -0.09 -3.65
C TYR A 9 6.78 -0.99 -2.72
N PHE A 10 7.01 -2.25 -3.21
CA PHE A 10 7.81 -3.24 -2.49
C PHE A 10 7.03 -3.67 -1.23
N VAL A 11 6.27 -4.82 -1.38
CA VAL A 11 5.28 -5.14 -0.36
C VAL A 11 5.97 -5.43 1.01
N ARG A 12 5.40 -4.77 2.08
CA ARG A 12 5.83 -5.08 3.42
C ARG A 12 4.75 -4.63 4.43
N GLY A 13 4.68 -5.42 5.55
CA GLY A 13 3.61 -5.29 6.52
C GLY A 13 2.41 -6.18 6.14
N ASP A 14 1.45 -6.23 7.10
CA ASP A 14 0.08 -6.69 6.87
C ASP A 14 -0.90 -5.54 6.96
N LEU A 15 -2.06 -5.66 6.24
CA LEU A 15 -3.32 -4.96 6.56
C LEU A 15 -3.59 -3.61 5.82
N GLN A 16 -2.86 -3.42 4.68
CA GLN A 16 -3.08 -2.35 3.69
C GLN A 16 -1.86 -2.42 2.74
N SER A 17 -1.96 -1.87 1.48
CA SER A 17 -0.82 -2.08 0.58
C SER A 17 -0.95 -1.14 -0.63
N PHE A 18 -1.66 0.01 -0.37
CA PHE A 18 -1.92 1.02 -1.41
C PHE A 18 -1.63 2.41 -0.82
N TYR A 19 -1.46 3.42 -1.74
CA TYR A 19 -1.17 4.80 -1.35
C TYR A 19 -1.39 5.77 -2.54
N GLY A 20 -1.06 7.08 -2.27
CA GLY A 20 -1.04 8.11 -3.29
C GLY A 20 -0.96 9.49 -2.69
N GLY A 1 0.47 3.82 2.37
CA GLY A 1 0.30 4.51 3.64
C GLY A 1 -1.02 5.28 3.65
N GLY A 2 -2.03 4.72 2.89
CA GLY A 2 -3.35 5.29 2.91
C GLY A 2 -4.33 4.49 2.05
N LYS A 3 -5.20 5.27 1.31
CA LYS A 3 -6.18 4.67 0.41
C LYS A 3 -5.81 5.07 -1.02
N GLY A 4 -6.28 4.24 -2.01
CA GLY A 4 -5.93 4.48 -3.40
C GLY A 4 -6.23 3.25 -4.26
N HIS A 5 -5.52 3.20 -5.43
CA HIS A 5 -5.53 2.02 -6.31
C HIS A 5 -4.09 1.75 -6.78
N VAL A 6 -3.15 2.06 -5.82
CA VAL A 6 -1.71 1.92 -6.03
C VAL A 6 -1.24 1.43 -4.64
N PRO A 7 -0.83 0.12 -4.52
CA PRO A 7 -0.26 -0.38 -3.26
C PRO A 7 0.99 0.40 -2.84
N GLU A 8 1.29 0.36 -1.50
CA GLU A 8 2.59 0.87 -1.04
C GLU A 8 3.65 -0.22 -1.39
N TYR A 9 4.98 0.20 -1.34
CA TYR A 9 6.03 -0.63 -1.98
C TYR A 9 6.14 -2.07 -1.38
N PHE A 10 6.92 -2.94 -2.12
CA PHE A 10 6.98 -4.38 -1.77
C PHE A 10 7.70 -4.60 -0.41
N VAL A 11 6.84 -4.66 0.66
CA VAL A 11 7.28 -4.84 2.03
C VAL A 11 6.56 -6.07 2.68
N ARG A 12 7.09 -6.48 3.88
CA ARG A 12 6.57 -7.66 4.57
C ARG A 12 5.23 -7.35 5.26
N GLY A 13 4.13 -7.84 4.59
CA GLY A 13 2.82 -7.48 5.10
C GLY A 13 2.52 -6.05 4.66
N ASP A 14 1.41 -5.42 5.16
CA ASP A 14 1.02 -4.03 4.91
C ASP A 14 0.60 -3.83 3.48
N LEU A 15 0.55 -4.91 2.64
CA LEU A 15 0.28 -4.81 1.18
C LEU A 15 -1.24 -4.64 0.93
N GLN A 16 -2.00 -4.76 2.08
CA GLN A 16 -3.40 -4.44 2.20
C GLN A 16 -3.69 -2.92 2.35
N SER A 17 -2.59 -2.09 2.31
CA SER A 17 -2.71 -0.65 2.22
C SER A 17 -2.11 -0.12 0.90
N PHE A 18 -2.46 1.18 0.64
CA PHE A 18 -2.32 1.82 -0.66
C PHE A 18 -1.85 3.25 -0.41
N TYR A 19 -1.59 4.03 -1.51
CA TYR A 19 -1.21 5.43 -1.37
C TYR A 19 -1.49 6.21 -2.65
N GLY A 20 -1.09 7.53 -2.60
CA GLY A 20 -1.03 8.30 -3.83
C GLY A 20 0.22 7.97 -4.63
N GLY A 1 -0.33 5.06 1.99
CA GLY A 1 -0.93 5.71 3.15
C GLY A 1 -1.92 6.84 2.81
N GLY A 2 -2.91 6.45 1.91
CA GLY A 2 -3.74 7.50 1.31
C GLY A 2 -5.05 7.06 0.66
N LYS A 3 -5.35 5.70 0.74
CA LYS A 3 -6.33 5.07 -0.17
C LYS A 3 -5.66 4.96 -1.57
N GLY A 4 -6.47 4.59 -2.63
CA GLY A 4 -5.93 4.49 -3.97
C GLY A 4 -6.25 3.10 -4.52
N HIS A 5 -5.34 2.60 -5.43
CA HIS A 5 -5.45 1.22 -5.92
C HIS A 5 -4.06 0.59 -6.14
N VAL A 6 -3.11 1.03 -5.26
CA VAL A 6 -1.71 0.56 -5.25
C VAL A 6 -1.40 0.50 -3.75
N PRO A 7 -0.90 -0.67 -3.23
CA PRO A 7 -0.48 -0.71 -1.83
C PRO A 7 0.70 0.24 -1.60
N GLU A 8 0.94 0.58 -0.28
CA GLU A 8 2.17 1.30 0.05
C GLU A 8 3.27 0.23 0.08
N TYR A 9 4.41 0.56 -0.67
CA TYR A 9 5.35 -0.49 -1.05
C TYR A 9 6.03 -1.13 0.19
N PHE A 10 6.33 -2.46 0.01
CA PHE A 10 7.00 -3.25 1.05
C PHE A 10 7.61 -4.49 0.38
N VAL A 11 8.49 -5.21 1.16
CA VAL A 11 9.17 -6.40 0.65
C VAL A 11 8.51 -7.61 1.33
N ARG A 12 7.86 -8.48 0.46
CA ARG A 12 6.91 -9.48 0.94
C ARG A 12 5.65 -8.72 1.44
N GLY A 13 4.61 -9.48 1.94
CA GLY A 13 3.76 -8.95 3.01
C GLY A 13 3.14 -7.57 2.76
N ASP A 14 1.95 -7.60 2.09
CA ASP A 14 1.35 -6.29 1.83
C ASP A 14 0.77 -5.69 3.09
N LEU A 15 1.05 -4.37 3.28
CA LEU A 15 0.61 -3.65 4.46
C LEU A 15 -0.84 -3.19 4.23
N GLN A 16 -1.46 -2.71 5.38
CA GLN A 16 -2.80 -2.18 5.27
C GLN A 16 -2.72 -0.77 4.67
N SER A 17 -3.80 -0.45 3.88
CA SER A 17 -3.94 0.83 3.18
C SER A 17 -3.09 0.90 1.88
N PHE A 18 -3.33 2.05 1.14
CA PHE A 18 -2.87 2.17 -0.25
C PHE A 18 -2.57 3.66 -0.46
N TYR A 19 -1.77 4.05 -1.51
CA TYR A 19 -1.68 5.48 -1.88
C TYR A 19 -1.27 5.64 -3.35
N GLY A 20 -0.63 6.82 -3.66
CA GLY A 20 -0.24 7.06 -5.04
C GLY A 20 0.78 6.04 -5.52
N GLY A 1 0.75 4.20 1.48
CA GLY A 1 0.58 4.60 2.88
C GLY A 1 -0.77 4.25 3.49
N GLY A 2 -1.78 4.14 2.56
CA GLY A 2 -3.07 3.59 2.87
C GLY A 2 -4.18 4.24 2.05
N LYS A 3 -4.91 3.34 1.29
CA LYS A 3 -5.90 3.79 0.28
C LYS A 3 -5.17 4.25 -1.01
N GLY A 4 -6.00 4.70 -2.01
CA GLY A 4 -5.50 5.13 -3.30
C GLY A 4 -5.69 4.08 -4.42
N HIS A 5 -5.04 4.41 -5.60
CA HIS A 5 -5.04 3.53 -6.79
C HIS A 5 -3.61 3.20 -7.28
N VAL A 6 -2.57 3.49 -6.42
CA VAL A 6 -1.19 3.06 -6.68
C VAL A 6 -0.75 2.23 -5.45
N PRO A 7 -0.34 0.93 -5.62
CA PRO A 7 0.14 0.13 -4.48
C PRO A 7 1.46 0.68 -3.89
N GLU A 8 1.48 0.71 -2.51
CA GLU A 8 2.72 1.07 -1.83
C GLU A 8 3.62 -0.18 -1.83
N TYR A 9 4.93 0.08 -1.49
CA TYR A 9 5.90 -1.01 -1.44
C TYR A 9 5.46 -2.03 -0.36
N PHE A 10 5.49 -3.34 -0.78
CA PHE A 10 4.78 -4.40 -0.07
C PHE A 10 5.76 -5.46 0.47
N VAL A 11 7.03 -4.98 0.72
CA VAL A 11 8.08 -5.83 1.25
C VAL A 11 7.86 -6.05 2.76
N ARG A 12 7.39 -7.29 3.10
CA ARG A 12 7.30 -7.82 4.46
C ARG A 12 6.45 -6.95 5.41
N GLY A 13 5.13 -6.85 5.07
CA GLY A 13 4.16 -6.17 5.92
C GLY A 13 2.76 -6.80 5.77
N ASP A 14 1.75 -5.94 6.09
CA ASP A 14 0.34 -6.27 5.85
C ASP A 14 -0.07 -5.93 4.44
N LEU A 15 -1.29 -6.43 4.03
CA LEU A 15 -1.81 -6.15 2.69
C LEU A 15 -2.45 -4.71 2.60
N GLN A 16 -2.66 -4.09 3.81
CA GLN A 16 -3.26 -2.77 3.90
C GLN A 16 -2.22 -1.73 3.45
N SER A 17 -2.43 -1.20 2.21
CA SER A 17 -1.42 -0.33 1.62
C SER A 17 -2.12 0.70 0.70
N PHE A 18 -1.71 0.73 -0.58
CA PHE A 18 -2.22 1.64 -1.65
C PHE A 18 -1.73 3.05 -1.31
N TYR A 19 -1.89 4.12 -2.24
CA TYR A 19 -1.67 5.56 -1.99
C TYR A 19 -2.29 6.40 -3.10
N GLY A 20 -2.30 7.76 -2.86
CA GLY A 20 -2.72 8.65 -3.93
C GLY A 20 -3.31 9.95 -3.40
N GLY A 1 -0.54 5.16 1.51
CA GLY A 1 -0.80 6.50 2.03
C GLY A 1 -2.13 6.71 2.79
N GLY A 2 -3.27 6.32 2.07
CA GLY A 2 -4.56 6.30 2.73
C GLY A 2 -5.73 5.55 2.04
N LYS A 3 -6.10 5.96 0.78
CA LYS A 3 -7.21 5.32 0.06
C LYS A 3 -7.06 5.38 -1.49
N GLY A 4 -6.88 4.14 -2.07
CA GLY A 4 -6.49 4.03 -3.48
C GLY A 4 -6.59 2.56 -3.92
N HIS A 5 -5.63 2.12 -4.85
CA HIS A 5 -5.72 0.73 -5.34
C HIS A 5 -4.47 0.04 -5.91
N VAL A 6 -3.26 0.53 -5.48
CA VAL A 6 -1.98 -0.21 -5.53
C VAL A 6 -1.34 0.02 -4.14
N PRO A 7 -0.64 -0.96 -3.47
CA PRO A 7 -0.07 -0.75 -2.11
C PRO A 7 1.07 0.29 -2.08
N GLU A 8 1.20 1.05 -0.91
CA GLU A 8 2.32 2.01 -0.84
C GLU A 8 3.57 1.29 -0.40
N TYR A 9 4.73 1.87 -0.92
CA TYR A 9 6.02 1.33 -0.48
C TYR A 9 6.31 0.03 -1.27
N PHE A 10 7.20 -0.87 -0.71
CA PHE A 10 7.46 -2.17 -1.36
C PHE A 10 6.49 -3.17 -0.73
N VAL A 11 6.20 -4.29 -1.50
CA VAL A 11 5.34 -5.33 -0.95
C VAL A 11 6.12 -6.20 0.06
N ARG A 12 5.32 -6.89 0.94
CA ARG A 12 5.86 -7.56 2.11
C ARG A 12 4.76 -8.44 2.71
N GLY A 13 5.18 -9.28 3.73
CA GLY A 13 4.24 -10.16 4.40
C GLY A 13 3.30 -9.29 5.27
N ASP A 14 2.02 -9.19 4.76
CA ASP A 14 0.94 -8.35 5.31
C ASP A 14 1.22 -6.89 5.08
N LEU A 15 0.26 -6.22 4.30
CA LEU A 15 0.37 -4.88 3.73
C LEU A 15 -1.03 -4.25 3.84
N GLN A 16 -1.03 -2.89 4.05
CA GLN A 16 -2.25 -2.10 4.13
C GLN A 16 -1.94 -0.66 3.65
N SER A 17 -3.05 0.03 3.18
CA SER A 17 -2.97 1.35 2.56
C SER A 17 -2.41 1.23 1.14
N PHE A 18 -2.10 2.43 0.52
CA PHE A 18 -1.92 2.49 -0.94
C PHE A 18 -0.79 3.49 -1.30
N TYR A 19 -0.18 3.16 -2.51
CA TYR A 19 0.90 3.86 -3.26
C TYR A 19 0.45 5.26 -3.54
N GLY A 20 1.39 6.26 -3.35
CA GLY A 20 0.75 7.57 -3.25
C GLY A 20 0.67 8.04 -1.80
N GLY A 1 -0.16 4.76 1.88
CA GLY A 1 -0.71 5.38 3.06
C GLY A 1 -2.22 5.22 2.93
N GLY A 2 -2.81 6.18 2.13
CA GLY A 2 -4.23 6.09 1.81
C GLY A 2 -4.46 4.86 0.91
N LYS A 3 -4.22 5.21 -0.42
CA LYS A 3 -5.24 4.94 -1.46
C LYS A 3 -4.93 5.75 -2.73
N GLY A 4 -5.70 5.39 -3.80
CA GLY A 4 -5.56 5.95 -5.13
C GLY A 4 -5.95 4.82 -6.07
N HIS A 5 -4.97 3.86 -6.23
CA HIS A 5 -5.23 2.58 -6.89
C HIS A 5 -4.18 1.49 -6.59
N VAL A 6 -3.27 1.78 -5.61
CA VAL A 6 -1.90 1.24 -5.71
C VAL A 6 -1.47 0.93 -4.25
N PRO A 7 -0.65 -0.18 -4.08
CA PRO A 7 0.03 -0.48 -2.80
C PRO A 7 1.17 0.54 -2.53
N GLU A 8 1.38 0.87 -1.20
CA GLU A 8 2.58 1.63 -0.82
C GLU A 8 3.77 0.64 -0.83
N TYR A 9 5.00 1.19 -0.49
CA TYR A 9 6.26 0.44 -0.72
C TYR A 9 6.46 -0.82 0.19
N PHE A 10 5.43 -1.14 1.04
CA PHE A 10 5.47 -2.39 1.81
C PHE A 10 4.96 -3.52 0.88
N VAL A 11 5.85 -3.89 -0.10
CA VAL A 11 5.50 -4.82 -1.17
C VAL A 11 5.52 -6.26 -0.58
N ARG A 12 4.29 -6.65 -0.10
CA ARG A 12 4.01 -7.97 0.46
C ARG A 12 4.54 -8.17 1.90
N GLY A 13 4.12 -9.35 2.49
CA GLY A 13 4.42 -9.62 3.88
C GLY A 13 3.16 -9.39 4.71
N ASP A 14 3.40 -8.71 5.84
CA ASP A 14 2.37 -8.29 6.78
C ASP A 14 2.09 -6.81 6.67
N LEU A 15 1.01 -6.34 7.36
CA LEU A 15 0.41 -5.01 7.12
C LEU A 15 -0.37 -4.99 5.79
N GLN A 16 -1.12 -3.85 5.59
CA GLN A 16 -1.76 -3.53 4.32
C GLN A 16 -1.65 -1.99 4.19
N SER A 17 -1.22 -1.51 2.98
CA SER A 17 -1.11 -0.08 2.75
C SER A 17 -1.04 0.18 1.25
N PHE A 18 -1.75 1.31 0.88
CA PHE A 18 -2.03 1.72 -0.50
C PHE A 18 -1.67 3.21 -0.63
N TYR A 19 -1.08 3.66 -1.82
CA TYR A 19 -1.00 5.08 -2.14
C TYR A 19 -1.68 5.36 -3.48
N GLY A 20 -1.72 6.70 -3.79
CA GLY A 20 -2.05 7.15 -5.13
C GLY A 20 -2.41 8.62 -5.17
N GLY A 1 -0.39 4.64 2.65
CA GLY A 1 -0.96 5.51 3.68
C GLY A 1 -2.20 6.25 3.17
N GLY A 2 -2.94 5.59 2.21
CA GLY A 2 -4.19 6.16 1.75
C GLY A 2 -4.92 5.21 0.79
N LYS A 3 -5.82 5.84 -0.06
CA LYS A 3 -6.46 5.05 -1.11
C LYS A 3 -5.51 4.95 -2.32
N GLY A 4 -5.72 3.86 -3.14
CA GLY A 4 -4.76 3.59 -4.20
C GLY A 4 -5.02 2.20 -4.77
N HIS A 5 -4.06 1.77 -5.68
CA HIS A 5 -3.88 0.34 -5.96
C HIS A 5 -2.39 -0.03 -5.99
N VAL A 6 -1.57 0.87 -5.38
CA VAL A 6 -0.13 0.66 -5.24
C VAL A 6 0.05 0.58 -3.70
N PRO A 7 0.49 -0.60 -3.15
CA PRO A 7 0.74 -0.67 -1.72
C PRO A 7 1.85 0.30 -1.28
N GLU A 8 1.78 0.70 0.03
CA GLU A 8 2.84 1.52 0.61
C GLU A 8 4.02 0.56 0.85
N TYR A 9 5.26 1.01 0.44
CA TYR A 9 6.51 0.23 0.56
C TYR A 9 6.73 -0.81 -0.57
N PHE A 10 5.75 -0.91 -1.53
CA PHE A 10 5.81 -1.99 -2.52
C PHE A 10 5.60 -3.35 -1.79
N VAL A 11 5.70 -4.50 -2.57
CA VAL A 11 5.96 -5.82 -1.95
C VAL A 11 4.99 -6.19 -0.79
N ARG A 12 3.69 -6.47 -1.22
CA ARG A 12 2.66 -6.71 -0.22
C ARG A 12 3.04 -7.85 0.77
N GLY A 13 3.02 -7.47 2.10
CA GLY A 13 3.60 -8.36 3.09
C GLY A 13 3.91 -7.57 4.36
N ASP A 14 2.85 -6.85 4.87
CA ASP A 14 2.95 -6.17 6.15
C ASP A 14 1.58 -5.85 6.70
N LEU A 15 0.77 -4.94 6.09
CA LEU A 15 -0.58 -4.63 6.56
C LEU A 15 -1.45 -4.23 5.34
N GLN A 16 -2.67 -3.64 5.63
CA GLN A 16 -3.52 -3.14 4.55
C GLN A 16 -3.29 -1.63 4.41
N SER A 17 -2.51 -1.25 3.33
CA SER A 17 -2.18 0.16 3.14
C SER A 17 -1.78 0.39 1.68
N PHE A 18 -2.20 1.59 1.14
CA PHE A 18 -2.11 1.88 -0.29
C PHE A 18 -1.83 3.37 -0.49
N TYR A 19 -1.48 3.76 -1.76
CA TYR A 19 -1.28 5.18 -2.08
C TYR A 19 -1.27 5.41 -3.61
N GLY A 20 -1.23 6.72 -3.97
CA GLY A 20 -0.77 7.23 -5.23
C GLY A 20 -0.87 8.91 -4.96
N GLY A 1 -0.39 6.29 1.18
CA GLY A 1 -1.29 7.07 2.04
C GLY A 1 -2.34 7.92 1.24
N GLY A 2 -3.54 7.29 0.90
CA GLY A 2 -4.61 7.95 0.11
C GLY A 2 -5.32 7.02 -0.94
N LYS A 3 -5.14 7.34 -2.32
CA LYS A 3 -5.69 6.41 -3.30
C LYS A 3 -4.64 6.10 -4.37
N GLY A 4 -4.84 4.92 -5.08
CA GLY A 4 -4.06 4.59 -6.26
C GLY A 4 -4.08 3.07 -6.57
N HIS A 5 -2.91 2.53 -7.12
CA HIS A 5 -2.78 1.11 -7.44
C HIS A 5 -1.37 0.63 -7.14
N VAL A 6 -0.71 0.99 -6.02
CA VAL A 6 0.69 0.60 -5.76
C VAL A 6 0.92 0.58 -4.21
N PRO A 7 0.29 -0.43 -3.49
CA PRO A 7 0.35 -0.57 -2.03
C PRO A 7 1.66 -0.02 -1.44
N GLU A 8 1.48 1.02 -0.49
CA GLU A 8 2.60 1.83 0.08
C GLU A 8 3.63 0.75 0.78
N TYR A 9 4.98 0.69 0.29
CA TYR A 9 6.04 -0.25 0.64
C TYR A 9 5.81 -1.61 0.00
N PHE A 10 6.66 -1.94 -0.98
CA PHE A 10 6.56 -3.22 -1.66
C PHE A 10 5.13 -3.46 -2.15
N VAL A 11 4.92 -4.60 -2.82
CA VAL A 11 3.60 -4.96 -3.35
C VAL A 11 3.04 -6.13 -2.57
N ARG A 12 3.92 -6.81 -1.75
CA ARG A 12 3.52 -7.94 -0.93
C ARG A 12 4.42 -7.91 0.32
N GLY A 13 3.77 -7.63 1.50
CA GLY A 13 4.49 -7.61 2.76
C GLY A 13 3.65 -7.03 3.88
N ASP A 14 3.59 -5.71 3.92
CA ASP A 14 2.83 -5.01 4.96
C ASP A 14 1.46 -5.65 5.16
N LEU A 15 0.48 -5.14 4.41
CA LEU A 15 -0.89 -5.64 4.49
C LEU A 15 -1.57 -5.18 5.77
N GLN A 16 -0.78 -4.56 6.62
CA GLN A 16 -1.26 -4.05 7.91
C GLN A 16 -1.72 -2.59 7.75
N SER A 17 -1.52 -2.07 6.56
CA SER A 17 -1.92 -0.69 6.25
C SER A 17 -1.95 -0.50 4.74
N PHE A 18 -2.62 0.66 4.37
CA PHE A 18 -3.21 0.94 3.05
C PHE A 18 -2.64 2.28 2.52
N TYR A 19 -3.26 2.90 1.43
CA TYR A 19 -2.37 3.54 0.45
C TYR A 19 -3.07 4.54 -0.51
N GLY A 20 -2.21 5.52 -1.03
CA GLY A 20 -2.36 5.90 -2.44
C GLY A 20 -1.93 7.31 -2.78
N GLY A 1 -0.57 2.84 1.84
CA GLY A 1 -1.45 2.98 2.99
C GLY A 1 -2.07 4.37 3.03
N GLY A 2 -3.37 4.45 2.54
CA GLY A 2 -3.99 5.74 2.32
C GLY A 2 -4.96 5.71 1.16
N LYS A 3 -5.88 4.68 1.18
CA LYS A 3 -6.84 4.52 0.10
C LYS A 3 -6.11 4.10 -1.22
N GLY A 4 -6.95 4.15 -2.31
CA GLY A 4 -6.49 4.08 -3.68
C GLY A 4 -5.59 5.22 -4.11
N HIS A 5 -4.59 4.87 -4.93
CA HIS A 5 -3.65 5.84 -5.46
C HIS A 5 -2.46 5.11 -6.09
N VAL A 6 -1.72 4.37 -5.26
CA VAL A 6 -0.54 3.63 -5.70
C VAL A 6 -0.31 2.41 -4.79
N PRO A 7 -0.56 1.17 -5.25
CA PRO A 7 -0.33 -0.01 -4.41
C PRO A 7 0.96 0.08 -3.60
N GLU A 8 0.82 0.04 -2.23
CA GLU A 8 2.02 0.19 -1.44
C GLU A 8 3.02 -0.93 -1.81
N TYR A 9 4.23 -0.89 -1.16
CA TYR A 9 5.35 -1.73 -1.51
C TYR A 9 4.92 -3.19 -1.56
N PHE A 10 5.78 -4.05 -2.10
CA PHE A 10 5.48 -5.48 -2.20
C PHE A 10 5.68 -6.17 -0.85
N VAL A 11 6.02 -7.45 -0.91
CA VAL A 11 6.23 -8.26 0.31
C VAL A 11 6.94 -7.45 1.39
N ARG A 12 6.83 -7.86 2.70
CA ARG A 12 7.60 -7.20 3.78
C ARG A 12 7.22 -5.71 4.06
N GLY A 13 6.14 -5.52 4.89
CA GLY A 13 5.61 -4.18 5.13
C GLY A 13 4.21 -4.22 5.71
N ASP A 14 3.60 -3.05 5.82
CA ASP A 14 2.24 -2.96 6.37
C ASP A 14 1.30 -3.85 5.58
N LEU A 15 0.12 -4.11 6.12
CA LEU A 15 -0.87 -4.94 5.45
C LEU A 15 -1.10 -4.40 4.03
N GLN A 16 -1.54 -5.27 3.12
CA GLN A 16 -1.79 -4.86 1.75
C GLN A 16 -2.83 -3.74 1.71
N SER A 17 -2.63 -2.77 0.83
CA SER A 17 -3.56 -1.66 0.70
C SER A 17 -3.16 -0.77 -0.47
N PHE A 18 -3.48 0.51 -0.37
CA PHE A 18 -3.16 1.48 -1.42
C PHE A 18 -2.94 2.87 -0.83
N TYR A 19 -2.06 3.63 -1.45
CA TYR A 19 -1.82 5.00 -0.99
C TYR A 19 -1.03 5.80 -2.04
N GLY A 20 -0.59 6.98 -1.64
CA GLY A 20 0.17 7.84 -2.53
C GLY A 20 0.88 8.95 -1.76
N GLY A 1 -0.67 2.72 2.48
CA GLY A 1 -0.96 4.01 3.10
C GLY A 1 -2.32 4.02 3.82
N GLY A 2 -3.31 4.68 3.15
CA GLY A 2 -4.74 4.69 3.48
C GLY A 2 -5.77 4.45 2.34
N LYS A 3 -5.67 5.29 1.25
CA LYS A 3 -6.57 5.25 0.09
C LYS A 3 -5.90 5.84 -1.17
N GLY A 4 -5.84 5.00 -2.27
CA GLY A 4 -5.07 5.41 -3.44
C GLY A 4 -5.20 4.43 -4.61
N HIS A 5 -4.12 4.36 -5.48
CA HIS A 5 -4.14 3.44 -6.62
C HIS A 5 -2.77 2.76 -6.80
N VAL A 6 -1.97 2.66 -5.68
CA VAL A 6 -0.67 1.96 -5.71
C VAL A 6 -0.58 1.12 -4.41
N PRO A 7 0.14 -0.05 -4.37
CA PRO A 7 0.20 -0.87 -3.14
C PRO A 7 1.23 -0.44 -2.07
N GLU A 8 1.28 0.90 -1.75
CA GLU A 8 2.25 1.41 -0.77
C GLU A 8 3.70 1.22 -1.30
N TYR A 9 4.55 0.51 -0.48
CA TYR A 9 5.93 0.19 -0.87
C TYR A 9 5.95 -1.29 -1.35
N PHE A 10 7.21 -1.85 -1.50
CA PHE A 10 7.33 -3.24 -1.94
C PHE A 10 6.61 -4.17 -0.91
N VAL A 11 5.80 -5.13 -1.49
CA VAL A 11 4.89 -5.96 -0.70
C VAL A 11 5.75 -7.08 -0.07
N ARG A 12 5.82 -7.04 1.31
CA ARG A 12 6.68 -7.98 2.04
C ARG A 12 6.18 -8.18 3.49
N GLY A 13 4.82 -8.09 3.64
CA GLY A 13 4.22 -7.99 4.97
C GLY A 13 3.98 -6.53 5.34
N ASP A 14 3.49 -5.74 4.30
CA ASP A 14 2.77 -4.51 4.61
C ASP A 14 1.39 -4.82 5.14
N LEU A 15 0.72 -3.75 5.67
CA LEU A 15 -0.68 -3.87 6.08
C LEU A 15 -1.54 -3.87 4.79
N GLN A 16 -2.85 -4.26 4.99
CA GLN A 16 -3.84 -4.34 3.90
C GLN A 16 -4.37 -2.96 3.42
N SER A 17 -3.44 -1.95 3.52
CA SER A 17 -3.75 -0.64 2.99
C SER A 17 -3.05 -0.42 1.64
N PHE A 18 -3.55 0.65 0.93
CA PHE A 18 -3.09 1.00 -0.42
C PHE A 18 -2.75 2.49 -0.38
N TYR A 19 -2.06 2.98 -1.48
CA TYR A 19 -1.36 4.29 -1.36
C TYR A 19 -2.36 5.40 -0.90
N GLY A 20 -1.87 6.63 -0.62
CA GLY A 20 -2.64 7.72 -0.04
C GLY A 20 -1.90 9.04 -0.09
N GLY A 1 -1.05 2.44 2.26
CA GLY A 1 -1.58 2.83 3.56
C GLY A 1 -2.34 4.17 3.57
N GLY A 2 -3.17 4.40 2.49
CA GLY A 2 -3.70 5.75 2.30
C GLY A 2 -4.83 5.83 1.26
N LYS A 3 -5.51 4.64 1.07
CA LYS A 3 -6.60 4.48 0.11
C LYS A 3 -6.05 4.50 -1.35
N GLY A 4 -7.01 4.40 -2.35
CA GLY A 4 -6.60 4.11 -3.72
C GLY A 4 -5.91 5.29 -4.40
N HIS A 5 -4.77 4.95 -5.11
CA HIS A 5 -3.90 5.92 -5.80
C HIS A 5 -2.81 5.11 -6.51
N VAL A 6 -1.96 4.45 -5.67
CA VAL A 6 -0.84 3.57 -6.07
C VAL A 6 -0.95 2.44 -5.04
N PRO A 7 -0.59 1.17 -5.39
CA PRO A 7 -0.42 0.13 -4.38
C PRO A 7 0.71 0.52 -3.39
N GLU A 8 0.53 0.05 -2.10
CA GLU A 8 1.64 0.12 -1.15
C GLU A 8 2.62 -1.01 -1.53
N TYR A 9 3.76 -1.08 -0.75
CA TYR A 9 4.91 -1.85 -1.25
C TYR A 9 4.58 -3.38 -1.31
N PHE A 10 5.59 -4.12 -1.88
CA PHE A 10 5.45 -5.56 -2.12
C PHE A 10 5.67 -6.29 -0.76
N VAL A 11 6.18 -7.58 -0.85
CA VAL A 11 6.39 -8.35 0.37
C VAL A 11 7.34 -7.61 1.36
N ARG A 12 6.99 -7.76 2.69
CA ARG A 12 7.77 -7.19 3.80
C ARG A 12 7.40 -5.71 4.08
N GLY A 13 6.18 -5.53 4.72
CA GLY A 13 5.80 -4.19 5.12
C GLY A 13 4.48 -4.20 5.90
N ASP A 14 3.76 -3.06 5.77
CA ASP A 14 2.39 -2.93 6.25
C ASP A 14 1.47 -3.90 5.54
N LEU A 15 0.18 -3.94 6.07
CA LEU A 15 -0.82 -4.81 5.48
C LEU A 15 -1.16 -4.25 4.07
N GLN A 16 -1.63 -5.20 3.19
CA GLN A 16 -1.80 -4.88 1.78
C GLN A 16 -2.93 -3.84 1.65
N SER A 17 -2.56 -2.72 0.95
CA SER A 17 -3.50 -1.63 0.71
C SER A 17 -2.88 -0.70 -0.36
N PHE A 18 -3.36 0.58 -0.42
CA PHE A 18 -3.02 1.51 -1.50
C PHE A 18 -2.73 2.87 -0.82
N TYR A 19 -1.92 3.75 -1.49
CA TYR A 19 -1.64 5.14 -1.06
C TYR A 19 -1.12 5.96 -2.26
N GLY A 20 -0.62 7.21 -2.00
CA GLY A 20 0.32 7.85 -2.87
C GLY A 20 0.96 8.92 -1.94
N GLY A 1 1.24 5.61 1.03
CA GLY A 1 0.31 6.73 0.97
C GLY A 1 -0.93 6.37 1.79
N GLY A 2 -2.15 6.54 1.16
CA GLY A 2 -3.34 5.99 1.77
C GLY A 2 -4.58 6.03 0.85
N LYS A 3 -5.23 4.81 0.70
CA LYS A 3 -6.54 4.69 0.10
C LYS A 3 -6.58 4.86 -1.46
N GLY A 4 -5.49 4.34 -2.11
CA GLY A 4 -5.41 4.21 -3.56
C GLY A 4 -5.76 2.78 -4.03
N HIS A 5 -4.99 2.29 -5.09
CA HIS A 5 -5.22 0.94 -5.63
C HIS A 5 -3.90 0.36 -6.25
N VAL A 6 -2.77 0.83 -5.63
CA VAL A 6 -1.40 0.37 -5.81
C VAL A 6 -0.90 0.25 -4.33
N PRO A 7 -0.67 -1.00 -3.84
CA PRO A 7 -0.11 -1.22 -2.48
C PRO A 7 1.33 -0.61 -2.36
N GLU A 8 1.43 0.61 -1.69
CA GLU A 8 2.73 1.33 -1.68
C GLU A 8 3.90 0.41 -1.13
N TYR A 9 5.07 0.39 -1.91
CA TYR A 9 6.01 -0.75 -1.80
C TYR A 9 6.69 -0.81 -0.40
N PHE A 10 6.45 -1.98 0.29
CA PHE A 10 6.86 -2.14 1.68
C PHE A 10 6.98 -3.66 1.91
N VAL A 11 8.20 -4.18 1.54
CA VAL A 11 8.56 -5.59 1.72
C VAL A 11 7.55 -6.51 0.98
N ARG A 12 7.16 -7.68 1.61
CA ARG A 12 6.00 -8.42 1.13
C ARG A 12 5.15 -8.75 2.38
N GLY A 13 3.80 -8.98 2.13
CA GLY A 13 2.89 -9.16 3.24
C GLY A 13 2.08 -7.88 3.56
N ASP A 14 2.32 -6.77 2.75
CA ASP A 14 1.56 -5.55 2.98
C ASP A 14 0.14 -5.69 2.50
N LEU A 15 -0.83 -4.90 3.17
CA LEU A 15 -2.28 -4.97 2.86
C LEU A 15 -3.03 -3.83 3.61
N GLN A 16 -2.27 -3.11 4.53
CA GLN A 16 -2.91 -2.15 5.43
C GLN A 16 -3.15 -0.76 4.78
N SER A 17 -1.99 -0.12 4.33
CA SER A 17 -2.04 1.16 3.62
C SER A 17 -1.85 0.84 2.12
N PHE A 18 -2.14 1.87 1.26
CA PHE A 18 -2.13 1.73 -0.20
C PHE A 18 -1.53 3.05 -0.72
N TYR A 19 -1.60 3.28 -2.08
CA TYR A 19 -1.10 4.56 -2.66
C TYR A 19 -2.04 5.74 -2.24
N GLY A 20 -1.63 7.00 -2.58
CA GLY A 20 -2.24 8.25 -2.12
C GLY A 20 -1.20 9.31 -1.81
N GLY A 1 0.84 4.26 1.26
CA GLY A 1 0.59 4.79 2.58
C GLY A 1 -0.55 5.80 2.48
N GLY A 2 -1.81 5.25 2.58
CA GLY A 2 -2.98 6.03 2.23
C GLY A 2 -4.11 5.14 1.75
N LYS A 3 -5.01 5.70 0.94
CA LYS A 3 -6.16 4.95 0.41
C LYS A 3 -5.92 4.56 -1.05
N GLY A 4 -6.70 3.58 -1.50
CA GLY A 4 -6.60 3.07 -2.85
C GLY A 4 -6.22 4.11 -3.90
N HIS A 5 -5.17 3.79 -4.67
CA HIS A 5 -4.70 4.67 -5.73
C HIS A 5 -3.52 4.01 -6.45
N VAL A 6 -2.49 3.67 -5.68
CA VAL A 6 -1.28 3.03 -6.23
C VAL A 6 -0.64 2.12 -5.16
N PRO A 7 -0.75 0.77 -5.28
CA PRO A 7 -0.16 -0.15 -4.30
C PRO A 7 1.23 0.29 -3.84
N GLU A 8 1.35 0.61 -2.51
CA GLU A 8 2.65 1.10 -2.09
C GLU A 8 3.75 0.07 -2.43
N TYR A 9 5.03 0.56 -2.28
CA TYR A 9 6.21 -0.18 -2.73
C TYR A 9 6.32 -1.50 -1.98
N PHE A 10 7.53 -2.07 -1.98
CA PHE A 10 7.81 -3.35 -1.30
C PHE A 10 6.88 -3.59 -0.10
N VAL A 11 5.82 -4.37 -0.33
CA VAL A 11 4.85 -4.66 0.72
C VAL A 11 5.53 -4.95 2.06
N ARG A 12 4.77 -4.75 3.18
CA ARG A 12 5.33 -5.12 4.48
C ARG A 12 4.18 -5.47 5.41
N GLY A 13 4.57 -6.10 6.56
CA GLY A 13 3.61 -6.65 7.48
C GLY A 13 3.02 -7.95 6.96
N ASP A 14 1.71 -7.96 6.68
CA ASP A 14 1.04 -9.16 6.17
C ASP A 14 -0.08 -8.77 5.24
N LEU A 15 -0.71 -7.64 5.53
CA LEU A 15 -1.81 -7.13 4.71
C LEU A 15 -1.27 -6.15 3.66
N GLN A 16 -2.07 -5.89 2.64
CA GLN A 16 -1.66 -4.98 1.58
C GLN A 16 -1.88 -3.52 1.99
N SER A 17 -1.39 -2.60 1.15
CA SER A 17 -1.53 -1.16 1.41
C SER A 17 -1.67 -0.42 0.09
N PHE A 18 -2.13 0.83 0.15
CA PHE A 18 -2.31 1.63 -1.06
C PHE A 18 -2.24 3.12 -0.77
N TYR A 19 -1.82 3.87 -1.78
CA TYR A 19 -1.77 5.32 -1.68
C TYR A 19 -1.44 5.94 -3.04
N GLY A 20 -1.21 7.25 -3.03
CA GLY A 20 -0.88 7.95 -4.26
C GLY A 20 -0.67 9.43 -4.03
#